data_3JZG
#
_entry.id   3JZG
#
_cell.length_a   57.775
_cell.length_b   85.263
_cell.length_c   91.169
_cell.angle_alpha   90.00
_cell.angle_beta   90.00
_cell.angle_gamma   90.00
#
_symmetry.space_group_name_H-M   'P 21 21 21'
#
loop_
_entity.id
_entity.type
_entity.pdbx_description
1 polymer 'Polycomb protein EED'
2 polymer 'HISTONE PEPTIDE'
3 water water
#
loop_
_entity_poly.entity_id
_entity_poly.type
_entity_poly.pdbx_seq_one_letter_code
_entity_poly.pdbx_strand_id
1 'polypeptide(L)'
;DAVSIESGTNTERPDTPTNTPNAPGRKSWGKGKWKSKKCKYSFKCVNSLKEDHNQPLFGVQFNWHSKEGDPLVFATVGSN
RVTLYECHSQGEIRLLQSYVDADADENFYTCAWTYDSNTSHPLLAVAGSRGIIRIINPITMQCIKHYVGHGNAINELKFH
PRDPNLLLSVSKDHALRLWNIQTDTLVAIFGGVEGHRDEVLSADYDLLGEKIMSCGMDHSLKLWRINSKRMMNAIKESYD
YNPNKTNRPFISQKIHFPDFSTRDIHRNYVDCVRWLGDLILSKSCENAIVCWKPGKMEDDIDKIKPSESNVTILGRFDYS
QCDIWYMRFSMDFWQKMLALGNQVGKLYVWDLEVEDPHKAKCTTLTHHKCGAAIRQTSFSRDSSILIAVCDDASIWRWDR
LR
;
A
2 'polypeptide(L)' AR(M3L)S B
#
# COMPACT_ATOMS: atom_id res chain seq x y z
N SER A 42 3.59 -4.49 25.66
CA SER A 42 4.13 -3.65 24.56
C SER A 42 3.28 -2.39 24.42
N PHE A 43 2.28 -2.44 23.53
CA PHE A 43 1.53 -1.24 23.17
C PHE A 43 0.42 -0.89 24.12
N LYS A 44 0.25 0.40 24.42
CA LYS A 44 -0.89 0.87 25.23
C LYS A 44 -1.64 1.95 24.42
N CYS A 45 -2.96 1.93 24.49
CA CYS A 45 -3.75 2.92 23.79
C CYS A 45 -3.65 4.25 24.54
N VAL A 46 -3.10 5.29 23.92
CA VAL A 46 -2.88 6.56 24.63
C VAL A 46 -3.79 7.66 24.18
N ASN A 47 -4.48 7.51 23.03
CA ASN A 47 -5.39 8.58 22.54
C ASN A 47 -6.27 8.10 21.42
N SER A 48 -7.32 8.85 21.13
CA SER A 48 -8.07 8.64 19.92
C SER A 48 -8.77 9.94 19.56
N LEU A 49 -9.22 10.07 18.30
CA LEU A 49 -10.10 11.16 17.92
C LEU A 49 -10.95 10.68 16.76
N LYS A 50 -11.82 11.55 16.28
CA LYS A 50 -12.64 11.26 15.14
C LYS A 50 -12.63 12.48 14.22
N GLU A 51 -12.50 12.28 12.91
CA GLU A 51 -12.56 13.36 11.97
C GLU A 51 -13.99 13.79 11.68
N ASP A 52 -14.18 15.07 11.32
CA ASP A 52 -15.52 15.66 11.32
C ASP A 52 -16.44 15.12 10.22
N HIS A 53 -15.94 14.38 9.24
CA HIS A 53 -16.79 14.04 8.10
C HIS A 53 -17.63 12.78 8.32
N ASN A 54 -17.33 12.05 9.39
CA ASN A 54 -17.91 10.71 9.69
C ASN A 54 -17.95 9.63 8.60
N GLN A 55 -17.10 9.74 7.58
CA GLN A 55 -16.90 8.69 6.58
C GLN A 55 -15.70 7.80 6.91
N PRO A 56 -15.63 6.60 6.28
CA PRO A 56 -14.45 5.80 6.58
C PRO A 56 -13.08 6.47 6.25
N LEU A 57 -12.12 6.27 7.15
CA LEU A 57 -10.70 6.46 6.86
C LEU A 57 -10.19 5.17 6.29
N PHE A 58 -9.92 5.18 4.99
CA PHE A 58 -9.51 3.98 4.30
C PHE A 58 -8.00 3.77 4.36
N GLY A 59 -7.26 4.83 4.64
CA GLY A 59 -5.84 4.62 4.72
C GLY A 59 -5.16 5.50 5.73
N VAL A 60 -3.99 5.04 6.14
CA VAL A 60 -3.12 5.86 7.03
C VAL A 60 -1.68 5.53 6.74
N GLN A 61 -0.77 6.52 6.77
CA GLN A 61 0.64 6.26 6.58
C GLN A 61 1.49 7.25 7.37
N PHE A 62 2.38 6.73 8.25
CA PHE A 62 3.43 7.62 8.80
C PHE A 62 4.35 8.07 7.68
N ASN A 63 4.92 9.26 7.81
CA ASN A 63 5.99 9.70 6.89
C ASN A 63 7.33 9.13 7.36
N TRP A 64 7.85 8.04 6.74
CA TRP A 64 9.17 7.51 7.10
C TRP A 64 10.33 8.31 6.50
N HIS A 65 10.00 9.35 5.73
CA HIS A 65 11.03 10.32 5.29
C HIS A 65 11.08 11.60 6.16
N SER A 66 10.60 11.53 7.40
CA SER A 66 10.77 12.62 8.37
C SER A 66 12.23 12.98 8.51
N LYS A 67 12.52 14.25 8.83
CA LYS A 67 13.89 14.67 9.15
C LYS A 67 14.21 14.37 10.60
N GLU A 68 15.46 14.02 10.87
CA GLU A 68 15.95 13.77 12.23
C GLU A 68 15.59 14.95 13.13
N GLY A 69 15.05 14.68 14.32
CA GLY A 69 14.63 15.79 15.18
C GLY A 69 13.25 16.38 14.88
N ASP A 70 12.67 16.16 13.71
CA ASP A 70 11.29 16.59 13.53
C ASP A 70 10.29 15.61 14.17
N PRO A 71 9.10 16.08 14.57
CA PRO A 71 8.14 15.14 15.19
C PRO A 71 7.62 14.14 14.14
N LEU A 72 7.08 13.03 14.63
CA LEU A 72 6.53 12.00 13.78
C LEU A 72 5.18 12.51 13.26
N VAL A 73 4.96 12.32 11.95
CA VAL A 73 3.78 12.82 11.28
C VAL A 73 3.11 11.65 10.51
N PHE A 74 1.79 11.61 10.53
CA PHE A 74 1.09 10.64 9.67
C PHE A 74 -0.04 11.34 8.91
N ALA A 75 -0.42 10.74 7.80
CA ALA A 75 -1.52 11.19 6.98
C ALA A 75 -2.66 10.18 7.04
N THR A 76 -3.90 10.67 7.00
CA THR A 76 -5.09 9.83 6.86
C THR A 76 -5.77 10.21 5.55
N VAL A 77 -6.49 9.27 4.93
CA VAL A 77 -7.34 9.58 3.75
C VAL A 77 -8.72 9.03 4.00
N GLY A 78 -9.75 9.82 3.70
CA GLY A 78 -11.12 9.39 3.81
C GLY A 78 -12.01 10.52 3.32
N SER A 79 -13.25 10.20 2.97
CA SER A 79 -14.15 11.21 2.39
C SER A 79 -13.34 11.73 1.20
N ASN A 80 -13.43 13.03 0.90
CA ASN A 80 -12.67 13.60 -0.17
C ASN A 80 -11.42 14.38 0.32
N ARG A 81 -10.84 13.95 1.46
CA ARG A 81 -9.69 14.69 1.99
C ARG A 81 -8.46 13.85 2.41
N VAL A 82 -7.32 14.53 2.54
CA VAL A 82 -6.16 13.94 3.20
C VAL A 82 -5.86 14.84 4.37
N THR A 83 -5.47 14.30 5.51
CA THR A 83 -5.18 15.14 6.69
C THR A 83 -3.83 14.71 7.33
N LEU A 84 -3.04 15.69 7.76
CA LEU A 84 -1.77 15.44 8.41
C LEU A 84 -1.85 15.70 9.89
N TYR A 85 -1.27 14.84 10.73
CA TYR A 85 -1.29 15.05 12.22
C TYR A 85 0.12 14.81 12.68
N GLU A 86 0.51 15.50 13.76
CA GLU A 86 1.83 15.31 14.40
C GLU A 86 1.66 14.61 15.74
N CYS A 87 2.47 13.57 16.01
CA CYS A 87 2.51 12.90 17.34
C CYS A 87 3.40 13.62 18.34
N HIS A 88 2.85 13.85 19.51
CA HIS A 88 3.55 14.54 20.60
C HIS A 88 3.40 13.78 21.92
N SER A 89 4.09 14.22 22.97
CA SER A 89 4.00 13.51 24.24
C SER A 89 2.61 13.49 24.82
N GLN A 90 2.40 12.60 25.78
CA GLN A 90 1.10 12.42 26.46
C GLN A 90 0.01 12.02 25.51
N GLY A 91 0.37 11.25 24.49
CA GLY A 91 -0.60 10.80 23.51
C GLY A 91 -1.22 11.90 22.65
N GLU A 92 -0.77 13.16 22.74
CA GLU A 92 -1.29 14.20 21.85
C GLU A 92 -1.11 13.86 20.34
N ILE A 93 -2.21 14.04 19.63
CA ILE A 93 -2.25 13.95 18.18
C ILE A 93 -2.65 15.34 17.72
N ARG A 94 -1.64 16.13 17.36
CA ARG A 94 -1.87 17.51 16.93
C ARG A 94 -2.37 17.64 15.46
N LEU A 95 -3.56 18.19 15.27
CA LEU A 95 -4.14 18.40 13.93
C LEU A 95 -3.37 19.47 13.21
N LEU A 96 -2.95 19.20 11.97
CA LEU A 96 -2.22 20.19 11.16
C LEU A 96 -3.08 20.81 10.06
N GLN A 97 -3.19 20.17 8.90
CA GLN A 97 -3.91 20.80 7.77
C GLN A 97 -4.28 19.70 6.74
N SER A 98 -5.40 19.92 6.05
CA SER A 98 -5.94 18.97 5.10
C SER A 98 -5.80 19.49 3.71
N TYR A 99 -5.73 18.57 2.75
CA TYR A 99 -6.06 18.88 1.39
C TYR A 99 -7.48 18.33 1.16
N VAL A 100 -8.39 19.19 0.69
CA VAL A 100 -9.77 18.83 0.31
C VAL A 100 -9.99 18.91 -1.20
N ASP A 101 -10.42 17.81 -1.80
CA ASP A 101 -10.59 17.85 -3.24
C ASP A 101 -11.67 18.87 -3.65
N ALA A 102 -11.47 19.53 -4.79
CA ALA A 102 -12.48 20.39 -5.41
C ALA A 102 -13.81 19.59 -5.62
N ASP A 103 -13.71 18.32 -5.96
CA ASP A 103 -14.91 17.53 -6.22
C ASP A 103 -15.44 16.90 -4.91
N ALA A 104 -16.65 17.30 -4.52
CA ALA A 104 -17.26 16.78 -3.32
C ALA A 104 -17.55 15.25 -3.46
N ASP A 105 -17.54 14.76 -4.70
CA ASP A 105 -17.76 13.34 -4.98
C ASP A 105 -16.49 12.49 -5.01
N GLU A 106 -15.29 13.11 -4.95
CA GLU A 106 -14.06 12.35 -4.84
C GLU A 106 -14.09 11.52 -3.56
N ASN A 107 -13.53 10.36 -3.60
CA ASN A 107 -13.32 9.64 -2.36
C ASN A 107 -11.89 9.07 -2.28
N PHE A 108 -11.09 9.64 -1.39
CA PHE A 108 -9.69 9.18 -1.39
C PHE A 108 -9.60 7.85 -0.64
N TYR A 109 -8.88 6.92 -1.23
CA TYR A 109 -8.73 5.54 -0.69
C TYR A 109 -7.35 5.30 -0.12
N THR A 110 -6.37 5.93 -0.76
CA THR A 110 -5.00 5.53 -0.48
C THR A 110 -4.01 6.67 -0.52
N CYS A 111 -2.93 6.53 0.27
CA CYS A 111 -1.83 7.48 0.15
C CYS A 111 -0.48 6.81 0.32
N ALA A 112 0.57 7.49 -0.10
CA ALA A 112 1.96 6.94 -0.03
C ALA A 112 2.89 8.15 0.00
N TRP A 113 3.93 8.07 0.82
CA TRP A 113 4.93 9.15 0.94
C TRP A 113 6.15 8.87 0.11
N THR A 114 6.76 9.95 -0.36
CA THR A 114 8.08 9.89 -0.96
C THR A 114 8.75 11.21 -0.65
N TYR A 115 9.83 11.52 -1.35
CA TYR A 115 10.47 12.83 -1.22
C TYR A 115 10.84 13.36 -2.60
N ASP A 116 10.96 14.66 -2.74
CA ASP A 116 11.46 15.21 -3.97
C ASP A 116 12.94 14.87 -4.17
N SER A 117 13.33 14.31 -5.32
CA SER A 117 14.69 13.71 -5.45
C SER A 117 15.82 14.74 -5.47
N ASN A 118 15.45 16.00 -5.77
CA ASN A 118 16.41 17.12 -5.84
C ASN A 118 16.52 17.87 -4.53
N THR A 119 15.38 18.04 -3.90
CA THR A 119 15.14 18.97 -2.83
C THR A 119 15.12 18.26 -1.45
N SER A 120 14.86 16.94 -1.46
CA SER A 120 14.64 16.16 -0.22
C SER A 120 13.36 16.43 0.47
N HIS A 121 12.63 17.47 0.12
CA HIS A 121 11.37 17.61 0.84
C HIS A 121 10.40 16.49 0.62
N PRO A 122 9.75 16.00 1.69
CA PRO A 122 8.72 14.93 1.57
C PRO A 122 7.58 15.36 0.66
N LEU A 123 7.05 14.43 -0.12
CA LEU A 123 5.85 14.61 -0.95
C LEU A 123 4.89 13.53 -0.56
N LEU A 124 3.59 13.82 -0.73
CA LEU A 124 2.54 12.86 -0.40
C LEU A 124 1.68 12.61 -1.64
N ALA A 125 1.60 11.37 -2.12
CA ALA A 125 0.69 11.03 -3.23
C ALA A 125 -0.64 10.53 -2.68
N VAL A 126 -1.78 10.95 -3.25
CA VAL A 126 -3.08 10.38 -2.84
C VAL A 126 -3.92 10.03 -4.07
N ALA A 127 -4.87 9.12 -3.88
CA ALA A 127 -5.75 8.79 -4.98
C ALA A 127 -6.92 8.03 -4.43
N GLY A 128 -7.95 7.87 -5.25
CA GLY A 128 -9.19 7.17 -4.91
C GLY A 128 -10.12 6.96 -6.06
N SER A 129 -11.44 7.10 -5.79
CA SER A 129 -12.51 6.73 -6.75
C SER A 129 -12.46 7.45 -8.09
N ARG A 130 -12.07 8.72 -8.13
CA ARG A 130 -11.90 9.42 -9.44
C ARG A 130 -10.74 8.93 -10.33
N GLY A 131 -9.83 8.09 -9.82
CA GLY A 131 -8.72 7.56 -10.64
C GLY A 131 -7.73 8.67 -10.94
N ILE A 132 -7.64 9.65 -10.07
CA ILE A 132 -6.68 10.72 -10.26
C ILE A 132 -5.63 10.68 -9.17
N ILE A 133 -4.35 10.73 -9.54
CA ILE A 133 -3.27 10.75 -8.60
C ILE A 133 -2.89 12.21 -8.31
N ARG A 134 -2.93 12.57 -7.03
CA ARG A 134 -2.51 13.90 -6.70
C ARG A 134 -1.19 13.86 -5.95
N ILE A 135 -0.24 14.71 -6.33
CA ILE A 135 1.01 14.88 -5.61
C ILE A 135 0.90 16.10 -4.74
N ILE A 136 0.97 15.93 -3.44
CA ILE A 136 0.63 17.03 -2.48
C ILE A 136 1.89 17.49 -1.73
N ASN A 137 2.05 18.81 -1.62
CA ASN A 137 3.09 19.38 -0.82
C ASN A 137 2.64 19.33 0.64
N PRO A 138 3.24 18.48 1.44
CA PRO A 138 2.68 18.29 2.78
C PRO A 138 2.79 19.48 3.73
N ILE A 139 3.72 20.36 3.43
CA ILE A 139 3.92 21.59 4.19
C ILE A 139 2.70 22.54 4.02
N THR A 140 2.38 22.88 2.77
CA THR A 140 1.30 23.84 2.43
C THR A 140 -0.02 23.18 2.09
N MET A 141 0.05 21.88 1.88
CA MET A 141 -1.01 21.06 1.39
C MET A 141 -1.46 21.46 -0.02
N GLN A 142 -0.59 22.11 -0.79
CA GLN A 142 -0.90 22.38 -2.19
C GLN A 142 -0.80 21.15 -3.05
N CYS A 143 -1.68 21.04 -4.03
CA CYS A 143 -1.53 19.97 -5.01
C CYS A 143 -0.52 20.49 -6.05
N ILE A 144 0.72 20.01 -5.97
CA ILE A 144 1.75 20.36 -6.94
C ILE A 144 1.37 19.92 -8.39
N LYS A 145 0.71 18.76 -8.52
CA LYS A 145 0.39 18.22 -9.85
C LYS A 145 -0.49 16.96 -9.75
N HIS A 146 -1.07 16.53 -10.88
CA HIS A 146 -1.88 15.31 -10.84
C HIS A 146 -1.68 14.49 -12.08
N TYR A 147 -2.03 13.20 -11.98
CA TYR A 147 -1.91 12.26 -13.10
C TYR A 147 -3.26 11.58 -13.33
N VAL A 148 -3.65 11.57 -14.58
CA VAL A 148 -4.90 10.92 -14.96
C VAL A 148 -4.54 9.76 -15.86
N GLY A 149 -5.27 8.67 -15.83
CA GLY A 149 -5.06 7.68 -16.87
C GLY A 149 -5.96 6.51 -16.65
N HIS A 150 -5.89 5.96 -15.42
CA HIS A 150 -6.75 4.83 -15.04
C HIS A 150 -8.19 5.28 -15.38
N GLY A 151 -8.44 6.62 -15.33
CA GLY A 151 -9.78 7.22 -15.24
C GLY A 151 -10.74 6.60 -14.19
N ASN A 152 -10.44 5.35 -13.79
CA ASN A 152 -11.23 4.49 -12.87
C ASN A 152 -10.53 4.30 -11.53
N ALA A 153 -11.27 3.90 -10.49
CA ALA A 153 -10.77 4.00 -9.09
C ALA A 153 -9.37 3.44 -8.94
N ILE A 154 -8.56 4.18 -8.21
CA ILE A 154 -7.28 3.71 -7.75
C ILE A 154 -7.39 3.11 -6.35
N ASN A 155 -7.09 1.82 -6.21
CA ASN A 155 -7.20 1.10 -4.92
C ASN A 155 -5.92 1.17 -4.10
N GLU A 156 -4.75 1.31 -4.71
CA GLU A 156 -3.51 1.43 -3.91
C GLU A 156 -2.42 2.19 -4.67
N LEU A 157 -1.54 2.89 -3.94
CA LEU A 157 -0.31 3.49 -4.44
C LEU A 157 0.85 2.97 -3.62
N LYS A 158 1.99 2.72 -4.28
CA LYS A 158 3.25 2.36 -3.56
C LYS A 158 4.43 2.99 -4.32
N PHE A 159 5.38 3.53 -3.57
CA PHE A 159 6.64 4.02 -4.18
C PHE A 159 7.74 3.00 -4.19
N HIS A 160 8.55 2.98 -5.24
CA HIS A 160 9.70 2.04 -5.34
C HIS A 160 10.61 2.23 -4.09
N PRO A 161 11.20 1.13 -3.56
CA PRO A 161 11.93 1.23 -2.28
C PRO A 161 13.32 1.91 -2.48
N ARG A 162 13.77 1.99 -3.73
CA ARG A 162 15.08 2.62 -4.00
C ARG A 162 14.98 3.93 -4.79
N ASP A 163 13.88 4.17 -5.48
CA ASP A 163 13.86 5.32 -6.38
C ASP A 163 12.61 6.06 -6.05
N PRO A 164 12.76 7.23 -5.39
CA PRO A 164 11.62 7.98 -4.90
C PRO A 164 10.67 8.52 -5.98
N ASN A 165 11.09 8.49 -7.23
CA ASN A 165 10.18 8.95 -8.34
C ASN A 165 9.28 7.87 -8.98
N LEU A 166 9.49 6.58 -8.65
CA LEU A 166 8.74 5.54 -9.34
C LEU A 166 7.50 5.16 -8.52
N LEU A 167 6.33 5.52 -9.04
CA LEU A 167 5.09 5.33 -8.35
C LEU A 167 4.21 4.33 -9.06
N LEU A 168 3.79 3.33 -8.28
CA LEU A 168 2.94 2.25 -8.78
C LEU A 168 1.53 2.51 -8.33
N SER A 169 0.57 2.48 -9.27
CA SER A 169 -0.87 2.63 -8.92
C SER A 169 -1.61 1.37 -9.34
N VAL A 170 -2.54 0.89 -8.52
CA VAL A 170 -3.31 -0.29 -8.91
C VAL A 170 -4.82 0.09 -9.04
N SER A 171 -5.50 -0.43 -10.06
CA SER A 171 -6.83 0.11 -10.40
C SER A 171 -7.98 -0.86 -10.52
N LYS A 172 -9.17 -0.28 -10.28
CA LYS A 172 -10.42 -0.94 -10.49
C LYS A 172 -10.56 -1.28 -11.98
N ASP A 173 -9.76 -0.68 -12.85
CA ASP A 173 -9.78 -0.98 -14.29
C ASP A 173 -8.94 -2.20 -14.64
N HIS A 174 -8.46 -2.93 -13.62
CA HIS A 174 -7.76 -4.24 -13.78
C HIS A 174 -6.29 -4.13 -14.08
N ALA A 175 -5.73 -2.92 -14.18
CA ALA A 175 -4.33 -2.72 -14.57
C ALA A 175 -3.53 -2.11 -13.44
N LEU A 176 -2.20 -2.27 -13.49
CA LEU A 176 -1.30 -1.48 -12.62
C LEU A 176 -0.57 -0.53 -13.55
N ARG A 177 -0.16 0.63 -13.06
CA ARG A 177 0.73 1.48 -13.85
C ARG A 177 1.87 2.05 -13.06
N LEU A 178 2.98 2.17 -13.75
CA LEU A 178 4.20 2.65 -13.17
C LEU A 178 4.46 4.03 -13.77
N TRP A 179 4.52 5.02 -12.89
CA TRP A 179 4.77 6.43 -13.26
C TRP A 179 6.15 6.91 -12.76
N ASN A 180 6.76 7.78 -13.54
CA ASN A 180 7.95 8.49 -13.13
C ASN A 180 7.48 9.92 -12.82
N ILE A 181 7.44 10.23 -11.55
CA ILE A 181 6.89 11.54 -11.11
C ILE A 181 7.97 12.63 -11.07
N GLN A 182 9.15 12.34 -11.61
CA GLN A 182 10.17 13.36 -11.88
C GLN A 182 9.92 13.99 -13.25
N THR A 183 9.80 13.16 -14.29
CA THR A 183 9.52 13.65 -15.64
C THR A 183 8.05 13.52 -16.05
N ASP A 184 7.15 13.13 -15.13
CA ASP A 184 5.70 13.09 -15.39
C ASP A 184 5.38 12.19 -16.55
N THR A 185 6.03 11.00 -16.61
CA THR A 185 5.83 10.02 -17.64
C THR A 185 5.14 8.72 -17.08
N LEU A 186 4.23 8.18 -17.90
CA LEU A 186 3.73 6.84 -17.70
C LEU A 186 4.71 5.85 -18.30
N VAL A 187 5.48 5.17 -17.44
CA VAL A 187 6.50 4.18 -17.85
C VAL A 187 5.90 2.88 -18.43
N ALA A 188 4.83 2.35 -17.83
CA ALA A 188 4.28 1.07 -18.28
C ALA A 188 2.90 0.82 -17.66
N ILE A 189 2.09 0.02 -18.37
CA ILE A 189 0.81 -0.42 -17.92
C ILE A 189 0.94 -1.93 -17.81
N PHE A 190 0.53 -2.54 -16.69
CA PHE A 190 0.63 -4.02 -16.51
C PHE A 190 -0.80 -4.51 -16.59
N GLY A 191 -1.17 -5.16 -17.71
CA GLY A 191 -2.58 -5.41 -18.01
C GLY A 191 -2.76 -6.56 -18.95
N GLY A 192 -3.71 -6.46 -19.87
CA GLY A 192 -3.91 -7.50 -20.87
C GLY A 192 -4.84 -8.61 -20.43
N VAL A 193 -5.28 -9.51 -21.33
CA VAL A 193 -6.18 -10.60 -20.84
C VAL A 193 -5.48 -11.56 -19.90
N GLU A 194 -4.14 -11.68 -20.00
CA GLU A 194 -3.40 -12.49 -19.00
C GLU A 194 -3.03 -11.75 -17.69
N GLY A 195 -3.28 -10.44 -17.63
CA GLY A 195 -3.20 -9.73 -16.34
C GLY A 195 -4.45 -9.93 -15.51
N HIS A 196 -4.70 -9.06 -14.51
CA HIS A 196 -5.86 -9.24 -13.68
C HIS A 196 -7.16 -9.12 -14.51
N ARG A 197 -8.19 -9.89 -14.14
CA ARG A 197 -9.48 -9.87 -14.86
C ARG A 197 -10.60 -9.24 -14.06
N ASP A 198 -10.22 -8.50 -13.01
CA ASP A 198 -11.15 -7.80 -12.14
C ASP A 198 -10.26 -6.82 -11.37
N GLU A 199 -10.82 -6.02 -10.47
CA GLU A 199 -10.07 -4.91 -9.83
C GLU A 199 -8.79 -5.35 -9.22
N VAL A 200 -7.72 -4.60 -9.47
CA VAL A 200 -6.51 -4.84 -8.72
C VAL A 200 -6.62 -4.09 -7.38
N LEU A 201 -6.39 -4.76 -6.24
CA LEU A 201 -6.69 -4.19 -4.92
C LEU A 201 -5.43 -3.78 -4.17
N SER A 202 -4.32 -4.48 -4.43
CA SER A 202 -3.02 -4.20 -3.74
C SER A 202 -1.83 -4.62 -4.60
N ALA A 203 -0.62 -4.16 -4.27
CA ALA A 203 0.60 -4.59 -4.95
C ALA A 203 1.75 -4.16 -4.06
N ASP A 204 2.91 -4.82 -4.16
CA ASP A 204 4.05 -4.47 -3.31
C ASP A 204 5.31 -4.73 -4.15
N TYR A 205 6.28 -3.84 -4.07
CA TYR A 205 7.54 -4.09 -4.71
C TYR A 205 8.36 -5.00 -3.75
N ASP A 206 9.27 -5.82 -4.28
CA ASP A 206 10.18 -6.53 -3.39
C ASP A 206 11.28 -5.61 -2.84
N LEU A 207 12.20 -6.18 -2.06
CA LEU A 207 13.25 -5.41 -1.37
C LEU A 207 13.99 -4.39 -2.27
N LEU A 208 14.47 -4.82 -3.42
CA LEU A 208 15.25 -3.90 -4.23
C LEU A 208 14.44 -3.34 -5.37
N GLY A 209 13.13 -3.55 -5.36
CA GLY A 209 12.29 -3.04 -6.48
C GLY A 209 12.61 -3.67 -7.86
N GLU A 210 13.02 -4.93 -7.86
CA GLU A 210 13.17 -5.72 -9.06
C GLU A 210 11.89 -6.31 -9.58
N LYS A 211 10.90 -6.48 -8.74
CA LYS A 211 9.67 -7.11 -9.19
C LYS A 211 8.59 -6.69 -8.24
N ILE A 212 7.36 -6.82 -8.74
CA ILE A 212 6.14 -6.42 -8.03
C ILE A 212 5.29 -7.69 -7.89
N MET A 213 4.67 -7.89 -6.72
CA MET A 213 3.58 -8.88 -6.63
C MET A 213 2.31 -8.03 -6.54
N SER A 214 1.32 -8.35 -7.36
CA SER A 214 -0.04 -7.73 -7.28
C SER A 214 -1.13 -8.72 -6.92
N CYS A 215 -2.33 -8.26 -6.51
CA CYS A 215 -3.41 -9.17 -6.21
C CYS A 215 -4.73 -8.46 -6.32
N GLY A 216 -5.78 -9.22 -6.58
CA GLY A 216 -7.08 -8.57 -6.61
C GLY A 216 -8.33 -9.44 -6.54
N MET A 217 -9.40 -8.91 -7.12
CA MET A 217 -10.71 -9.48 -7.02
C MET A 217 -10.86 -10.73 -7.85
N ASP A 218 -9.91 -11.00 -8.76
CA ASP A 218 -10.00 -12.26 -9.49
C ASP A 218 -9.40 -13.42 -8.68
N HIS A 219 -9.09 -13.18 -7.38
CA HIS A 219 -8.55 -14.23 -6.47
C HIS A 219 -7.09 -14.55 -6.74
N SER A 220 -6.51 -13.98 -7.77
CA SER A 220 -5.11 -14.28 -8.04
C SER A 220 -4.03 -13.28 -7.57
N LEU A 221 -2.78 -13.78 -7.46
CA LEU A 221 -1.60 -12.98 -7.16
C LEU A 221 -0.70 -13.16 -8.38
N LYS A 222 -0.22 -12.06 -8.95
CA LYS A 222 0.64 -12.07 -10.13
C LYS A 222 1.92 -11.34 -9.87
N LEU A 223 3.00 -11.91 -10.40
CA LEU A 223 4.30 -11.32 -10.33
C LEU A 223 4.64 -10.62 -11.64
N TRP A 224 5.20 -9.41 -11.54
CA TRP A 224 5.64 -8.68 -12.71
C TRP A 224 7.06 -8.25 -12.46
N ARG A 225 8.03 -8.80 -13.17
CA ARG A 225 9.45 -8.41 -13.01
C ARG A 225 9.70 -7.06 -13.67
N ILE A 226 10.35 -6.13 -12.97
CA ILE A 226 10.66 -4.85 -13.58
C ILE A 226 12.17 -4.65 -13.75
N ASN A 227 12.94 -5.71 -13.58
CA ASN A 227 14.36 -5.66 -13.85
C ASN A 227 14.68 -6.30 -15.23
N SER A 228 13.67 -6.56 -16.05
CA SER A 228 13.95 -7.09 -17.41
C SER A 228 14.70 -6.04 -18.21
N LYS A 229 15.28 -6.42 -19.35
CA LYS A 229 16.01 -5.44 -20.16
C LYS A 229 15.10 -4.33 -20.67
N ARG A 230 13.93 -4.75 -21.13
CA ARG A 230 12.89 -3.90 -21.66
C ARG A 230 12.47 -2.91 -20.58
N MET A 231 12.22 -3.39 -19.37
CA MET A 231 11.76 -2.49 -18.27
C MET A 231 12.84 -1.57 -17.76
N MET A 232 14.08 -2.06 -17.69
CA MET A 232 15.14 -1.20 -17.15
C MET A 232 15.39 -0.02 -18.13
N ASN A 233 15.34 -0.34 -19.41
CA ASN A 233 15.48 0.62 -20.49
C ASN A 233 14.34 1.63 -20.50
N ALA A 234 13.10 1.11 -20.36
CA ALA A 234 11.91 1.99 -20.29
C ALA A 234 12.06 3.03 -19.17
N ILE A 235 12.50 2.58 -18.00
CA ILE A 235 12.72 3.50 -16.87
C ILE A 235 13.80 4.54 -17.22
N LYS A 236 14.88 4.07 -17.82
CA LYS A 236 15.97 4.99 -18.16
C LYS A 236 15.49 5.99 -19.22
N GLU A 237 14.76 5.49 -20.20
CA GLU A 237 14.24 6.39 -21.21
C GLU A 237 13.26 7.40 -20.61
N SER A 238 12.51 6.95 -19.59
CA SER A 238 11.58 7.88 -18.89
C SER A 238 12.33 9.05 -18.23
N TYR A 239 13.54 8.79 -17.73
CA TYR A 239 14.32 9.85 -17.09
C TYR A 239 14.90 10.80 -18.15
N ASP A 240 14.96 10.29 -19.37
CA ASP A 240 15.55 11.05 -20.46
C ASP A 240 14.48 11.91 -21.12
N TYR A 241 13.21 11.67 -20.79
CA TYR A 241 12.15 12.34 -21.51
C TYR A 241 11.89 13.77 -21.02
N ASN A 242 12.05 14.71 -21.93
CA ASN A 242 11.64 16.09 -21.65
C ASN A 242 10.78 16.64 -22.82
N PRO A 243 9.45 16.83 -22.63
CA PRO A 243 8.57 17.19 -23.71
C PRO A 243 8.95 18.54 -24.34
N ASN A 244 9.58 19.44 -23.60
CA ASN A 244 10.13 20.70 -24.21
C ASN A 244 11.31 20.51 -25.09
N LYS A 245 11.92 19.34 -25.07
CA LYS A 245 13.11 19.24 -25.88
C LYS A 245 12.93 18.24 -27.01
N THR A 246 11.70 17.77 -27.23
CA THR A 246 11.49 16.77 -28.29
C THR A 246 10.15 16.94 -28.87
N ASN A 247 9.84 16.19 -29.94
CA ASN A 247 8.49 16.20 -30.57
C ASN A 247 7.60 14.97 -30.18
N ARG A 248 8.24 13.90 -29.76
CA ARG A 248 7.56 12.66 -29.55
C ARG A 248 6.78 12.70 -28.24
N PRO A 249 5.66 11.97 -28.19
CA PRO A 249 5.06 11.61 -26.91
C PRO A 249 5.96 10.56 -26.20
N PHE A 250 5.91 10.47 -24.87
CA PHE A 250 6.58 9.35 -24.25
C PHE A 250 5.86 8.02 -24.49
N ILE A 251 6.56 6.98 -24.99
CA ILE A 251 5.85 5.69 -25.21
C ILE A 251 5.81 4.84 -23.93
N SER A 252 4.61 4.38 -23.53
CA SER A 252 4.55 3.49 -22.36
C SER A 252 4.80 2.05 -22.75
N GLN A 253 5.46 1.26 -21.89
CA GLN A 253 5.50 -0.22 -22.11
C GLN A 253 4.10 -0.84 -21.87
N LYS A 254 3.62 -1.69 -22.76
CA LYS A 254 2.44 -2.52 -22.45
C LYS A 254 2.94 -3.87 -21.96
N ILE A 255 2.71 -4.24 -20.69
CA ILE A 255 3.20 -5.51 -20.22
C ILE A 255 1.95 -6.36 -20.03
N HIS A 256 1.77 -7.38 -20.84
CA HIS A 256 0.53 -8.17 -20.88
C HIS A 256 0.69 -9.57 -20.28
N PHE A 257 1.85 -9.92 -19.72
CA PHE A 257 2.06 -11.30 -19.24
C PHE A 257 2.81 -11.25 -17.95
N PRO A 258 2.18 -11.70 -16.86
CA PRO A 258 2.89 -11.76 -15.57
C PRO A 258 3.98 -12.80 -15.67
N ASP A 259 5.00 -12.71 -14.82
CA ASP A 259 6.09 -13.71 -14.74
C ASP A 259 5.77 -14.92 -13.85
N PHE A 260 4.60 -14.87 -13.21
CA PHE A 260 4.04 -15.95 -12.44
C PHE A 260 2.62 -15.51 -12.05
N SER A 261 1.68 -16.46 -11.94
CA SER A 261 0.31 -16.20 -11.49
C SER A 261 -0.21 -17.38 -10.65
N THR A 262 -0.93 -17.11 -9.57
CA THR A 262 -1.64 -18.19 -8.92
C THR A 262 -2.97 -17.71 -8.41
N ARG A 263 -3.87 -18.68 -8.30
CA ARG A 263 -5.20 -18.51 -7.72
C ARG A 263 -5.32 -19.61 -6.65
N ASP A 264 -4.20 -20.22 -6.26
CA ASP A 264 -4.22 -21.36 -5.30
C ASP A 264 -4.08 -20.91 -3.87
N ILE A 265 -3.94 -19.63 -3.64
CA ILE A 265 -3.70 -19.17 -2.22
C ILE A 265 -4.95 -18.89 -1.42
N HIS A 266 -5.87 -18.17 -2.01
CA HIS A 266 -7.09 -17.71 -1.34
C HIS A 266 -8.24 -18.12 -2.25
N ARG A 267 -9.45 -18.11 -1.72
CA ARG A 267 -10.65 -18.45 -2.48
C ARG A 267 -11.63 -17.28 -2.52
N ASN A 268 -11.13 -16.06 -2.32
CA ASN A 268 -11.96 -14.84 -2.40
C ASN A 268 -11.05 -13.66 -2.76
N TYR A 269 -11.59 -12.45 -2.73
CA TYR A 269 -10.85 -11.24 -3.10
C TYR A 269 -9.53 -11.10 -2.35
N VAL A 270 -8.43 -10.96 -3.08
CA VAL A 270 -7.14 -10.80 -2.40
C VAL A 270 -6.86 -9.32 -2.28
N ASP A 271 -6.85 -8.82 -1.04
CA ASP A 271 -6.92 -7.35 -0.80
C ASP A 271 -5.68 -6.75 -0.13
N CYS A 272 -4.67 -7.57 0.18
CA CYS A 272 -3.46 -6.98 0.70
C CYS A 272 -2.32 -7.95 0.44
N VAL A 273 -1.17 -7.48 -0.07
CA VAL A 273 -0.02 -8.33 -0.39
C VAL A 273 1.25 -7.60 0.03
N ARG A 274 2.18 -8.33 0.65
CA ARG A 274 3.47 -7.74 0.98
C ARG A 274 4.59 -8.79 0.77
N TRP A 275 5.71 -8.39 0.18
CA TRP A 275 6.92 -9.23 0.22
C TRP A 275 7.50 -9.40 1.62
N LEU A 276 8.03 -10.59 1.91
CA LEU A 276 8.81 -10.83 3.13
C LEU A 276 10.06 -11.52 2.67
N GLY A 277 11.07 -10.72 2.26
CA GLY A 277 12.21 -11.24 1.52
C GLY A 277 11.74 -11.85 0.19
N ASP A 278 12.01 -13.14 -0.02
CA ASP A 278 11.56 -13.84 -1.21
C ASP A 278 10.21 -14.53 -1.02
N LEU A 279 9.66 -14.51 0.19
CA LEU A 279 8.29 -15.06 0.41
C LEU A 279 7.26 -13.97 0.28
N ILE A 280 5.99 -14.36 0.35
CA ILE A 280 4.91 -13.40 0.23
C ILE A 280 4.02 -13.52 1.44
N LEU A 281 3.51 -12.37 1.93
CA LEU A 281 2.35 -12.39 2.84
C LEU A 281 1.14 -11.85 2.13
N SER A 282 0.03 -12.58 2.06
CA SER A 282 -1.13 -12.00 1.44
C SER A 282 -2.38 -12.39 2.19
N LYS A 283 -3.44 -11.59 2.03
CA LYS A 283 -4.67 -11.97 2.71
C LYS A 283 -5.85 -11.75 1.81
N SER A 284 -6.96 -12.44 2.13
CA SER A 284 -8.25 -12.21 1.49
C SER A 284 -9.16 -11.84 2.63
N CYS A 285 -10.46 -11.98 2.43
CA CYS A 285 -11.46 -11.73 3.47
C CYS A 285 -11.92 -13.05 4.14
N GLU A 286 -10.96 -13.96 4.35
CA GLU A 286 -11.26 -15.28 4.86
C GLU A 286 -10.57 -15.48 6.20
N ASN A 287 -10.29 -14.36 6.87
CA ASN A 287 -9.71 -14.36 8.22
C ASN A 287 -8.38 -15.08 8.29
N ALA A 288 -7.54 -14.93 7.26
CA ALA A 288 -6.17 -15.49 7.26
C ALA A 288 -5.22 -14.62 6.49
N ILE A 289 -4.00 -14.48 7.00
CA ILE A 289 -2.82 -14.03 6.22
C ILE A 289 -2.00 -15.28 5.90
N VAL A 290 -1.78 -15.59 4.61
CA VAL A 290 -1.00 -16.78 4.23
C VAL A 290 0.48 -16.33 3.90
N CYS A 291 1.46 -17.09 4.39
CA CYS A 291 2.83 -16.88 4.02
C CYS A 291 3.17 -17.97 3.05
N TRP A 292 3.49 -17.60 1.82
CA TRP A 292 3.72 -18.59 0.76
C TRP A 292 4.80 -18.15 -0.18
N LYS A 293 5.22 -19.03 -1.11
CA LYS A 293 6.14 -18.64 -2.16
C LYS A 293 5.73 -19.41 -3.46
N PRO A 294 6.07 -18.82 -4.63
CA PRO A 294 5.92 -19.55 -5.89
C PRO A 294 6.85 -20.77 -5.96
N GLY A 295 6.34 -21.80 -6.64
CA GLY A 295 7.12 -22.97 -6.95
C GLY A 295 7.24 -23.89 -5.74
N LYS A 296 8.15 -24.86 -5.81
CA LYS A 296 8.36 -25.82 -4.73
C LYS A 296 9.29 -25.24 -3.64
N MET A 297 9.45 -25.97 -2.55
CA MET A 297 10.11 -25.43 -1.35
C MET A 297 11.50 -24.91 -1.65
N GLU A 298 12.23 -25.63 -2.49
CA GLU A 298 13.62 -25.28 -2.79
C GLU A 298 13.81 -24.32 -3.98
N ASP A 299 12.73 -23.92 -4.66
CA ASP A 299 12.85 -23.06 -5.85
C ASP A 299 13.20 -21.59 -5.58
N ASP A 300 14.26 -21.12 -6.23
CA ASP A 300 14.72 -19.74 -6.21
C ASP A 300 13.66 -18.86 -6.86
N ILE A 301 13.31 -17.75 -6.22
CA ILE A 301 12.33 -16.86 -6.81
C ILE A 301 12.76 -16.34 -8.22
N ASP A 302 14.05 -16.11 -8.45
CA ASP A 302 14.49 -15.60 -9.74
C ASP A 302 14.66 -16.68 -10.80
N LYS A 303 14.48 -17.96 -10.44
CA LYS A 303 14.38 -19.02 -11.48
C LYS A 303 12.94 -19.51 -11.77
N ILE A 304 11.93 -18.86 -11.18
CA ILE A 304 10.51 -19.21 -11.44
C ILE A 304 10.15 -18.76 -12.89
N LYS A 305 9.50 -19.64 -13.65
CA LYS A 305 9.08 -19.29 -15.02
C LYS A 305 7.58 -18.98 -15.06
N PRO A 306 7.11 -18.25 -16.08
CA PRO A 306 5.69 -17.87 -16.23
C PRO A 306 4.72 -19.04 -16.14
N SER A 307 5.18 -20.22 -16.53
CA SER A 307 4.31 -21.36 -16.52
C SER A 307 4.30 -22.12 -15.18
N GLU A 308 5.02 -21.64 -14.14
CA GLU A 308 5.07 -22.33 -12.83
C GLU A 308 3.65 -22.54 -12.27
N SER A 309 3.26 -23.80 -12.03
CA SER A 309 1.92 -24.10 -11.57
C SER A 309 1.86 -24.48 -10.09
N ASN A 310 3.01 -24.57 -9.40
CA ASN A 310 3.03 -24.82 -7.95
C ASN A 310 3.24 -23.60 -7.04
N VAL A 311 2.77 -23.71 -5.80
CA VAL A 311 3.15 -22.77 -4.73
C VAL A 311 3.44 -23.56 -3.50
N THR A 312 4.10 -22.94 -2.50
CA THR A 312 4.41 -23.66 -1.26
C THR A 312 3.92 -22.82 -0.10
N ILE A 313 3.12 -23.40 0.80
CA ILE A 313 2.54 -22.67 1.92
C ILE A 313 3.40 -22.85 3.14
N LEU A 314 3.90 -21.73 3.72
CA LEU A 314 4.90 -21.80 4.81
C LEU A 314 4.28 -21.52 6.12
N GLY A 315 3.03 -21.07 6.08
CA GLY A 315 2.34 -20.78 7.35
C GLY A 315 1.08 -20.05 7.09
N ARG A 316 0.23 -19.94 8.11
CA ARG A 316 -0.98 -19.11 7.94
C ARG A 316 -1.34 -18.54 9.30
N PHE A 317 -1.60 -17.24 9.36
CA PHE A 317 -1.88 -16.58 10.63
C PHE A 317 -3.39 -16.27 10.64
N ASP A 318 -4.15 -17.00 11.43
CA ASP A 318 -5.59 -16.83 11.44
C ASP A 318 -5.97 -15.80 12.48
N TYR A 319 -7.18 -15.24 12.34
CA TYR A 319 -7.67 -14.23 13.26
C TYR A 319 -9.20 -14.23 13.10
N SER A 320 -9.93 -13.33 13.75
CA SER A 320 -11.40 -13.41 13.68
C SER A 320 -12.01 -12.14 13.11
N GLN A 321 -13.20 -12.29 12.53
CA GLN A 321 -14.11 -11.16 12.20
C GLN A 321 -13.51 -10.13 11.28
N CYS A 322 -13.09 -10.60 10.11
CA CYS A 322 -12.56 -9.74 9.07
C CYS A 322 -12.99 -10.34 7.71
N ASP A 323 -14.32 -10.40 7.46
CA ASP A 323 -14.95 -11.06 6.31
C ASP A 323 -15.26 -9.99 5.29
N ILE A 324 -15.10 -8.73 5.67
CA ILE A 324 -15.31 -7.65 4.70
C ILE A 324 -14.02 -7.45 3.92
N TRP A 325 -14.13 -7.01 2.68
CA TRP A 325 -12.89 -6.75 1.91
C TRP A 325 -12.41 -5.29 2.00
N TYR A 326 -11.13 -5.10 1.73
CA TYR A 326 -10.43 -3.80 1.74
C TYR A 326 -10.03 -3.47 3.17
N MET A 327 -9.19 -4.37 3.72
CA MET A 327 -8.76 -4.38 5.13
C MET A 327 -7.28 -4.73 5.05
N ARG A 328 -6.40 -3.76 5.26
CA ARG A 328 -4.99 -3.97 4.99
C ARG A 328 -4.15 -4.12 6.23
N PHE A 329 -3.18 -5.02 6.20
CA PHE A 329 -2.21 -5.07 7.28
C PHE A 329 -1.01 -4.16 6.90
N SER A 330 -0.17 -3.77 7.86
CA SER A 330 1.08 -3.06 7.50
C SER A 330 2.22 -3.70 8.30
N MET A 331 3.46 -3.30 8.01
CA MET A 331 4.63 -3.84 8.75
C MET A 331 5.47 -2.68 9.13
N ASP A 332 6.33 -2.87 10.13
CA ASP A 332 7.20 -1.82 10.57
C ASP A 332 8.37 -1.72 9.53
N PHE A 333 9.22 -0.69 9.73
CA PHE A 333 10.27 -0.38 8.78
C PHE A 333 11.17 -1.63 8.60
N TRP A 334 11.43 -2.35 9.67
CA TRP A 334 12.41 -3.47 9.57
C TRP A 334 11.80 -4.78 9.13
N GLN A 335 10.47 -4.81 9.04
CA GLN A 335 9.68 -6.04 8.79
C GLN A 335 9.84 -7.08 9.89
N LYS A 336 9.97 -6.60 11.12
CA LYS A 336 9.97 -7.45 12.28
C LYS A 336 8.53 -7.80 12.70
N MET A 337 7.54 -6.99 12.28
CA MET A 337 6.24 -7.20 12.83
C MET A 337 5.17 -6.81 11.86
N LEU A 338 3.97 -7.23 12.17
CA LEU A 338 2.89 -7.07 11.26
C LEU A 338 1.62 -6.77 12.09
N ALA A 339 0.86 -5.76 11.67
CA ALA A 339 -0.35 -5.36 12.40
C ALA A 339 -1.55 -5.37 11.46
N LEU A 340 -2.66 -5.99 11.90
CA LEU A 340 -3.96 -5.99 11.18
C LEU A 340 -5.12 -5.67 12.12
N GLY A 341 -5.99 -4.72 11.74
CA GLY A 341 -7.25 -4.52 12.43
C GLY A 341 -8.39 -5.32 11.81
N ASN A 342 -9.38 -5.69 12.60
CA ASN A 342 -10.53 -6.41 12.09
C ASN A 342 -11.79 -5.50 12.05
N GLN A 343 -12.93 -6.08 11.66
CA GLN A 343 -14.15 -5.31 11.41
C GLN A 343 -14.93 -4.86 12.64
N VAL A 344 -14.51 -5.28 13.83
CA VAL A 344 -15.08 -4.82 15.08
C VAL A 344 -14.05 -4.14 15.98
N GLY A 345 -12.94 -3.66 15.41
CA GLY A 345 -12.01 -2.80 16.17
C GLY A 345 -10.94 -3.45 17.04
N LYS A 346 -10.71 -4.75 16.83
CA LYS A 346 -9.60 -5.45 17.47
C LYS A 346 -8.33 -5.40 16.58
N LEU A 347 -7.18 -5.14 17.19
CA LEU A 347 -5.88 -5.18 16.51
C LEU A 347 -5.18 -6.49 16.76
N TYR A 348 -4.65 -7.05 15.69
CA TYR A 348 -3.72 -8.18 15.84
C TYR A 348 -2.32 -7.71 15.44
N VAL A 349 -1.33 -8.10 16.24
CA VAL A 349 0.09 -7.86 15.97
C VAL A 349 0.93 -9.15 16.03
N TRP A 350 1.62 -9.47 14.93
CA TRP A 350 2.48 -10.64 14.86
C TRP A 350 3.98 -10.22 14.86
N ASP A 351 4.71 -10.84 15.79
CA ASP A 351 6.16 -10.81 15.93
C ASP A 351 6.73 -11.85 14.98
N LEU A 352 7.32 -11.38 13.87
CA LEU A 352 7.86 -12.26 12.85
C LEU A 352 9.37 -12.49 13.02
N GLU A 353 9.90 -12.03 14.14
CA GLU A 353 11.28 -12.21 14.49
C GLU A 353 11.48 -13.63 15.09
N VAL A 354 11.37 -14.65 14.25
CA VAL A 354 11.41 -16.03 14.69
C VAL A 354 12.02 -16.77 13.53
N GLU A 355 12.47 -18.02 13.73
CA GLU A 355 13.25 -18.64 12.65
C GLU A 355 12.47 -19.00 11.42
N ASP A 356 11.17 -19.30 11.56
CA ASP A 356 10.37 -19.63 10.36
C ASP A 356 9.06 -18.89 10.43
N PRO A 357 8.42 -18.63 9.28
CA PRO A 357 7.15 -17.85 9.29
C PRO A 357 6.06 -18.42 10.21
N HIS A 358 5.88 -19.76 10.29
CA HIS A 358 4.76 -20.36 11.09
C HIS A 358 4.97 -20.21 12.59
N LYS A 359 6.18 -19.79 13.02
CA LYS A 359 6.44 -19.59 14.43
C LYS A 359 6.09 -18.19 14.92
N ALA A 360 5.44 -17.38 14.07
CA ALA A 360 5.09 -15.99 14.45
C ALA A 360 4.30 -15.96 15.76
N LYS A 361 4.62 -14.97 16.61
CA LYS A 361 3.93 -14.74 17.88
C LYS A 361 2.93 -13.58 17.82
N CYS A 362 1.70 -13.91 18.19
CA CYS A 362 0.59 -12.99 18.12
C CYS A 362 0.25 -12.32 19.46
N THR A 363 0.01 -11.03 19.41
CA THR A 363 -0.52 -10.29 20.53
C THR A 363 -1.77 -9.58 19.99
N THR A 364 -2.69 -9.27 20.88
CA THR A 364 -3.86 -8.53 20.41
C THR A 364 -4.01 -7.31 21.31
N LEU A 365 -4.65 -6.28 20.77
CA LEU A 365 -4.78 -4.95 21.38
C LEU A 365 -6.27 -4.54 21.20
N THR A 366 -6.95 -4.37 22.32
CA THR A 366 -8.34 -3.97 22.29
C THR A 366 -8.55 -2.78 23.19
N HIS A 367 -9.60 -2.01 22.90
CA HIS A 367 -10.05 -0.91 23.75
C HIS A 367 -11.56 -0.96 23.79
N HIS A 368 -12.16 -0.75 24.96
CA HIS A 368 -13.63 -0.83 25.05
C HIS A 368 -14.44 0.15 24.17
N LYS A 369 -13.84 1.28 23.77
CA LYS A 369 -14.51 2.30 22.93
C LYS A 369 -14.24 2.17 21.40
N CYS A 370 -13.37 1.21 21.06
CA CYS A 370 -12.95 1.02 19.69
C CYS A 370 -13.73 -0.17 19.12
N GLY A 371 -14.82 0.12 18.42
CA GLY A 371 -15.62 -0.96 17.90
C GLY A 371 -15.91 -0.89 16.42
N ALA A 372 -15.38 0.12 15.72
CA ALA A 372 -15.69 0.29 14.31
C ALA A 372 -14.61 -0.49 13.55
N ALA A 373 -14.89 -0.82 12.29
CA ALA A 373 -13.88 -1.53 11.47
C ALA A 373 -12.59 -0.71 11.28
N ILE A 374 -11.45 -1.35 11.46
CA ILE A 374 -10.14 -0.74 11.24
C ILE A 374 -9.69 -1.09 9.79
N ARG A 375 -9.52 -0.08 8.94
CA ARG A 375 -9.22 -0.32 7.52
C ARG A 375 -7.72 -0.51 7.27
N GLN A 376 -6.90 0.14 8.11
CA GLN A 376 -5.46 0.04 7.92
C GLN A 376 -4.72 0.50 9.21
N THR A 377 -3.51 0.01 9.42
CA THR A 377 -2.62 0.38 10.50
C THR A 377 -1.32 1.05 9.90
N SER A 378 -0.59 1.80 10.70
CA SER A 378 0.73 2.24 10.24
C SER A 378 1.64 2.34 11.46
N PHE A 379 2.87 1.82 11.38
CA PHE A 379 3.90 2.06 12.41
C PHE A 379 4.72 3.28 12.09
N SER A 380 5.11 4.03 13.12
CA SER A 380 6.12 5.06 12.89
C SER A 380 7.46 4.39 12.53
N ARG A 381 8.45 5.13 12.01
CA ARG A 381 9.67 4.49 11.48
C ARG A 381 10.50 3.85 12.57
N ASP A 382 10.54 4.51 13.74
CA ASP A 382 11.32 4.06 14.87
C ASP A 382 10.56 2.97 15.63
N SER A 383 9.40 2.54 15.09
CA SER A 383 8.44 1.57 15.69
C SER A 383 7.76 1.87 17.09
N SER A 384 7.88 3.09 17.60
CA SER A 384 7.34 3.41 18.94
C SER A 384 5.83 3.65 18.95
N ILE A 385 5.23 3.98 17.78
CA ILE A 385 3.76 4.28 17.69
C ILE A 385 3.08 3.48 16.59
N LEU A 386 1.90 2.99 16.89
CA LEU A 386 1.13 2.27 15.90
C LEU A 386 -0.22 3.04 15.84
N ILE A 387 -0.66 3.49 14.66
CA ILE A 387 -1.95 4.14 14.47
C ILE A 387 -2.88 3.22 13.67
N ALA A 388 -4.17 3.12 14.09
CA ALA A 388 -5.27 2.39 13.35
C ALA A 388 -6.36 3.41 12.99
N VAL A 389 -6.93 3.33 11.77
CA VAL A 389 -8.02 4.23 11.40
C VAL A 389 -9.26 3.41 11.04
N CYS A 390 -10.46 3.99 11.21
CA CYS A 390 -11.69 3.21 11.25
C CYS A 390 -12.76 3.75 10.37
N ASP A 391 -13.77 2.90 10.14
CA ASP A 391 -14.90 3.20 9.34
C ASP A 391 -15.78 4.33 9.87
N ASP A 392 -15.65 4.69 11.16
CA ASP A 392 -16.49 5.73 11.74
C ASP A 392 -15.66 7.01 11.79
N ALA A 393 -14.61 7.11 10.94
CA ALA A 393 -13.65 8.23 10.95
C ALA A 393 -12.75 8.41 12.20
N SER A 394 -12.73 7.43 13.11
CA SER A 394 -11.86 7.50 14.31
C SER A 394 -10.42 7.07 14.03
N ILE A 395 -9.51 7.59 14.86
CA ILE A 395 -8.06 7.38 14.77
C ILE A 395 -7.64 6.95 16.14
N TRP A 396 -6.87 5.88 16.21
CA TRP A 396 -6.41 5.31 17.49
C TRP A 396 -4.91 5.24 17.59
N ARG A 397 -4.39 5.83 18.67
CA ARG A 397 -2.97 5.84 18.88
C ARG A 397 -2.54 4.85 19.93
N TRP A 398 -1.57 4.00 19.55
CA TRP A 398 -0.98 2.99 20.45
C TRP A 398 0.52 3.19 20.57
N ASP A 399 1.02 3.40 21.80
CA ASP A 399 2.45 3.62 22.07
C ASP A 399 3.08 2.42 22.71
N ARG A 400 4.33 2.19 22.38
CA ARG A 400 5.09 1.12 23.02
C ARG A 400 5.69 1.54 24.32
N ALA B 1 -18.94 -11.02 -1.39
CA ALA B 1 -18.08 -10.35 -0.38
C ALA B 1 -18.43 -8.85 -0.32
N ARG B 2 -18.85 -8.36 0.85
CA ARG B 2 -19.16 -6.93 0.98
C ARG B 2 -17.96 -6.15 1.53
N M3L B 3 -17.86 -4.90 1.07
CA M3L B 3 -16.86 -3.90 1.48
CB M3L B 3 -16.69 -2.75 0.47
CG M3L B 3 -15.29 -2.12 0.54
CD M3L B 3 -15.19 -0.76 -0.15
CE M3L B 3 -13.74 -0.18 -0.18
NZ M3L B 3 -13.48 0.97 -1.11
C M3L B 3 -17.04 -3.38 2.90
O M3L B 3 -16.01 -3.00 3.52
CM1 M3L B 3 -13.14 0.58 -2.48
CM2 M3L B 3 -12.27 1.67 -0.61
CM3 M3L B 3 -14.65 1.89 -1.15
N SER B 4 -18.28 -3.34 3.43
CA SER B 4 -18.57 -3.01 4.89
C SER B 4 -19.54 -3.89 5.74
#